data_1OQV
#
_entry.id   1OQV
#
_cell.length_a   157.317
_cell.length_b   157.317
_cell.length_c   35.719
_cell.angle_alpha   90.00
_cell.angle_beta   90.00
_cell.angle_gamma   120.00
#
_symmetry.space_group_name_H-M   'P 63'
#
loop_
_entity.id
_entity.type
_entity.pdbx_description
1 polymer 'toxin-coregulated pilus subunit'
2 non-polymer GLYCEROL
3 water water
#
_entity_poly.entity_id   1
_entity_poly.type   'polypeptide(L)'
_entity_poly.pdbx_seq_one_letter_code
;MGSSHHHHHHSSGLVPRGSHMDSQNMTKAAQSLNSIQVALTQTYRGLGNYPATADATAASKLTSGLVSLGKISSDEAKNP
FIGTNMNIFSFPRNAAANKAFAISVDGLTQAQCKTLITSVGDMFPYIAIKAGGAVALADLGDFENSAAAAETGVGVIKSI
APASKNLDLTNITHVEKLCKGTAPFGVAFGNS
;
_entity_poly.pdbx_strand_id   A,B,C
#
loop_
_chem_comp.id
_chem_comp.type
_chem_comp.name
_chem_comp.formula
GOL non-polymer GLYCEROL 'C3 H8 O3'
#
# COMPACT_ATOMS: atom_id res chain seq x y z
N ASP A 22 38.05 -16.95 -50.43
CA ASP A 22 37.01 -17.93 -50.85
C ASP A 22 36.10 -17.57 -52.00
N SER A 23 35.92 -16.38 -52.62
CA SER A 23 36.41 -15.11 -52.14
C SER A 23 35.71 -14.91 -50.78
N GLN A 24 36.30 -14.14 -49.87
CA GLN A 24 35.76 -14.06 -48.52
C GLN A 24 34.34 -13.49 -48.54
N ASN A 25 34.10 -12.52 -49.40
CA ASN A 25 32.79 -11.89 -49.43
C ASN A 25 31.73 -12.81 -50.01
N MET A 26 32.10 -13.62 -51.00
CA MET A 26 31.13 -14.58 -51.50
C MET A 26 30.79 -15.65 -50.47
N THR A 27 31.81 -16.13 -49.75
CA THR A 27 31.52 -17.13 -48.72
C THR A 27 30.62 -16.54 -47.65
N LYS A 28 30.91 -15.30 -47.28
CA LYS A 28 30.11 -14.63 -46.26
C LYS A 28 28.69 -14.38 -46.77
N ALA A 29 28.59 -13.96 -48.04
CA ALA A 29 27.24 -13.74 -48.56
C ALA A 29 26.43 -15.03 -48.51
N ALA A 30 27.02 -16.16 -48.87
CA ALA A 30 26.32 -17.43 -48.89
C ALA A 30 25.80 -17.76 -47.49
N GLN A 31 26.68 -17.57 -46.51
CA GLN A 31 26.36 -17.87 -45.12
C GLN A 31 25.22 -17.04 -44.60
N SER A 32 25.36 -15.75 -44.91
CA SER A 32 24.34 -14.82 -44.46
C SER A 32 22.99 -15.06 -45.14
N LEU A 33 23.01 -15.25 -46.46
CA LEU A 33 21.75 -15.46 -47.16
C LEU A 33 21.03 -16.69 -46.64
N ASN A 34 21.79 -17.76 -46.39
CA ASN A 34 21.25 -18.96 -45.79
C ASN A 34 20.64 -18.69 -44.42
N SER A 35 21.38 -18.01 -43.55
CA SER A 35 20.91 -17.71 -42.19
C SER A 35 19.62 -16.92 -42.21
N ILE A 36 19.56 -15.94 -43.11
CA ILE A 36 18.36 -15.12 -43.23
C ILE A 36 17.18 -15.92 -43.76
N GLN A 37 17.37 -16.74 -44.78
CA GLN A 37 16.14 -17.40 -45.24
C GLN A 37 15.67 -18.43 -44.21
N VAL A 38 16.60 -19.04 -43.48
CA VAL A 38 16.18 -19.94 -42.40
C VAL A 38 15.39 -19.19 -41.32
N ALA A 39 15.88 -18.03 -40.93
CA ALA A 39 15.21 -17.21 -39.93
C ALA A 39 13.83 -16.79 -40.43
N LEU A 40 13.72 -16.37 -41.68
CA LEU A 40 12.42 -15.92 -42.18
C LEU A 40 11.41 -17.06 -42.24
N THR A 41 11.83 -18.21 -42.75
CA THR A 41 10.89 -19.33 -42.90
C THR A 41 10.51 -19.87 -41.52
N GLN A 42 11.45 -20.04 -40.61
CA GLN A 42 11.14 -20.47 -39.24
C GLN A 42 10.19 -19.53 -38.53
N THR A 43 10.39 -18.22 -38.72
CA THR A 43 9.62 -17.22 -38.00
C THR A 43 8.22 -17.07 -38.56
N TYR A 44 8.08 -17.07 -39.89
CA TYR A 44 6.84 -16.66 -40.51
C TYR A 44 6.05 -17.72 -41.23
N ARG A 45 6.59 -18.90 -41.54
CA ARG A 45 5.70 -19.87 -42.20
C ARG A 45 4.47 -20.23 -41.40
N GLY A 46 4.59 -20.33 -40.10
CA GLY A 46 3.41 -20.70 -39.32
C GLY A 46 2.51 -19.52 -39.00
N LEU A 47 2.89 -18.32 -39.43
CA LEU A 47 2.10 -17.11 -39.22
C LEU A 47 1.32 -16.72 -40.47
N GLY A 48 1.42 -17.53 -41.52
CA GLY A 48 0.59 -17.35 -42.68
C GLY A 48 1.14 -16.42 -43.71
N ASN A 49 1.86 -15.37 -43.34
CA ASN A 49 2.40 -14.42 -44.30
C ASN A 49 3.73 -13.91 -43.78
N TYR A 50 4.52 -13.35 -44.69
CA TYR A 50 5.70 -12.53 -44.35
C TYR A 50 5.27 -11.08 -44.19
N PRO A 51 5.98 -10.26 -43.44
CA PRO A 51 5.55 -8.88 -43.22
C PRO A 51 5.48 -8.06 -44.49
N ALA A 52 4.43 -7.24 -44.59
CA ALA A 52 4.22 -6.51 -45.84
C ALA A 52 5.35 -5.55 -46.12
N THR A 53 5.72 -5.42 -47.39
CA THR A 53 6.68 -4.38 -47.77
C THR A 53 6.26 -3.75 -49.09
N ALA A 54 5.71 -2.53 -49.00
CA ALA A 54 5.23 -1.87 -50.22
C ALA A 54 6.34 -1.42 -51.14
N ASP A 55 7.53 -1.23 -50.58
CA ASP A 55 8.62 -0.61 -51.30
C ASP A 55 9.93 -0.91 -50.57
N ALA A 56 11.02 -0.41 -51.11
CA ALA A 56 12.33 -0.69 -50.58
C ALA A 56 12.54 -0.06 -49.20
N THR A 57 11.89 1.08 -48.97
CA THR A 57 11.94 1.66 -47.62
C THR A 57 11.39 0.70 -46.59
N ALA A 58 10.25 0.07 -46.89
CA ALA A 58 9.66 -0.87 -45.95
C ALA A 58 10.53 -2.13 -45.84
N ALA A 59 11.13 -2.53 -46.96
CA ALA A 59 12.02 -3.68 -46.96
C ALA A 59 13.26 -3.43 -46.07
N SER A 60 13.75 -2.22 -46.08
CA SER A 60 14.90 -1.88 -45.24
C SER A 60 14.51 -1.90 -43.78
N LYS A 61 13.30 -1.40 -43.49
CA LYS A 61 12.84 -1.38 -42.12
C LYS A 61 12.54 -2.80 -41.60
N LEU A 62 12.12 -3.69 -42.49
CA LEU A 62 11.92 -5.07 -42.10
C LEU A 62 13.23 -5.71 -41.67
N THR A 63 14.29 -5.54 -42.47
CA THR A 63 15.58 -6.13 -42.08
C THR A 63 16.03 -5.59 -40.72
N SER A 64 15.95 -4.26 -40.57
CA SER A 64 16.36 -3.65 -39.31
C SER A 64 15.51 -4.18 -38.16
N GLY A 65 14.23 -4.38 -38.40
CA GLY A 65 13.37 -4.93 -37.37
C GLY A 65 13.81 -6.32 -36.96
N LEU A 66 14.13 -7.15 -37.96
CA LEU A 66 14.52 -8.53 -37.63
C LEU A 66 15.84 -8.58 -36.90
N VAL A 67 16.78 -7.69 -37.24
CA VAL A 67 18.01 -7.59 -36.46
C VAL A 67 17.66 -7.22 -35.02
N SER A 68 16.72 -6.30 -34.84
CA SER A 68 16.41 -5.83 -33.49
C SER A 68 15.75 -6.90 -32.64
N LEU A 69 15.15 -7.92 -33.23
CA LEU A 69 14.59 -9.06 -32.52
C LEU A 69 15.59 -10.18 -32.27
N GLY A 70 16.80 -10.01 -32.78
CA GLY A 70 17.79 -11.07 -32.64
C GLY A 70 17.51 -12.25 -33.55
N LYS A 71 16.66 -12.07 -34.55
CA LYS A 71 16.32 -13.17 -35.44
C LYS A 71 17.46 -13.37 -36.44
N ILE A 72 18.09 -12.26 -36.80
CA ILE A 72 19.30 -12.28 -37.60
C ILE A 72 20.28 -11.34 -36.90
N SER A 73 21.55 -11.66 -36.99
CA SER A 73 22.52 -10.79 -36.35
C SER A 73 22.83 -9.59 -37.25
N SER A 74 23.40 -8.55 -36.67
CA SER A 74 23.84 -7.39 -37.39
C SER A 74 24.77 -7.75 -38.56
N ASP A 75 25.72 -8.64 -38.25
CA ASP A 75 26.67 -9.05 -39.26
C ASP A 75 26.02 -9.89 -40.37
N GLU A 76 25.06 -10.75 -40.06
CA GLU A 76 24.35 -11.53 -41.08
C GLU A 76 23.52 -10.64 -41.98
N ALA A 77 22.94 -9.56 -41.47
CA ALA A 77 22.09 -8.68 -42.26
C ALA A 77 22.89 -7.86 -43.26
N LYS A 78 24.18 -7.69 -43.00
CA LYS A 78 25.03 -6.89 -43.87
C LYS A 78 25.28 -7.52 -45.23
N ASN A 79 25.06 -6.68 -46.25
CA ASN A 79 25.54 -7.00 -47.60
C ASN A 79 27.05 -6.92 -47.57
N PRO A 80 27.78 -8.00 -47.75
CA PRO A 80 29.24 -7.90 -47.53
C PRO A 80 29.94 -7.07 -48.61
N PHE A 81 29.31 -6.83 -49.73
CA PHE A 81 29.88 -6.08 -50.82
C PHE A 81 29.77 -4.57 -50.64
N ILE A 82 28.80 -4.12 -49.84
CA ILE A 82 28.61 -2.69 -49.69
C ILE A 82 28.50 -2.23 -48.23
N GLY A 83 28.37 -3.13 -47.25
CA GLY A 83 28.51 -2.78 -45.86
C GLY A 83 27.24 -2.34 -45.16
N THR A 84 26.11 -2.35 -45.85
CA THR A 84 24.81 -1.97 -45.28
C THR A 84 23.85 -3.14 -45.37
N ASN A 85 22.76 -3.05 -44.61
CA ASN A 85 21.79 -4.13 -44.56
C ASN A 85 21.18 -4.47 -45.90
N MET A 86 21.03 -5.77 -46.14
CA MET A 86 20.24 -6.24 -47.28
C MET A 86 18.76 -6.05 -47.03
N ASN A 87 18.05 -5.54 -48.04
CA ASN A 87 16.61 -5.40 -47.93
C ASN A 87 15.93 -6.76 -48.03
N ILE A 88 14.85 -6.93 -47.29
CA ILE A 88 14.00 -8.11 -47.39
C ILE A 88 12.60 -7.64 -47.81
N PHE A 89 12.17 -8.10 -48.98
CA PHE A 89 10.84 -7.85 -49.50
C PHE A 89 9.96 -9.08 -49.29
N SER A 90 8.72 -9.06 -49.04
CA SER A 90 7.58 -9.86 -49.22
C SER A 90 6.91 -9.51 -50.57
N PHE A 91 6.48 -10.59 -51.25
CA PHE A 91 5.90 -10.41 -52.57
C PHE A 91 4.92 -11.56 -52.78
N PRO A 92 4.08 -11.43 -53.81
CA PRO A 92 3.01 -12.38 -53.94
C PRO A 92 3.43 -13.75 -54.46
N ARG A 93 2.54 -14.70 -54.15
CA ARG A 93 2.67 -16.07 -54.66
C ARG A 93 1.35 -16.54 -55.22
N ASN A 94 1.29 -16.74 -56.52
CA ASN A 94 0.07 -17.12 -57.18
C ASN A 94 -1.06 -16.16 -56.79
N ALA A 95 -0.72 -14.88 -56.75
CA ALA A 95 -1.61 -13.77 -56.49
C ALA A 95 -1.91 -13.53 -55.01
N ALA A 96 -1.50 -14.44 -54.14
CA ALA A 96 -1.72 -14.25 -52.71
C ALA A 96 -0.64 -13.32 -52.15
N ALA A 97 -1.12 -12.28 -51.47
CA ALA A 97 -0.20 -11.28 -50.97
C ALA A 97 0.75 -11.79 -49.90
N ASN A 98 1.96 -11.27 -49.92
CA ASN A 98 2.93 -11.45 -48.86
C ASN A 98 3.25 -12.91 -48.53
N LYS A 99 3.25 -13.77 -49.54
CA LYS A 99 3.38 -15.20 -49.34
C LYS A 99 4.74 -15.72 -49.74
N ALA A 100 5.59 -14.87 -50.31
CA ALA A 100 6.97 -15.18 -50.59
C ALA A 100 7.84 -14.02 -50.09
N PHE A 101 9.14 -14.26 -50.01
CA PHE A 101 10.08 -13.19 -49.70
C PHE A 101 11.25 -13.24 -50.65
N ALA A 102 11.97 -12.11 -50.73
CA ALA A 102 13.19 -12.02 -51.49
C ALA A 102 14.19 -11.18 -50.70
N ILE A 103 15.39 -11.69 -50.60
CA ILE A 103 16.50 -11.00 -49.97
C ILE A 103 17.30 -10.35 -51.08
N SER A 104 17.43 -9.04 -51.04
CA SER A 104 18.09 -8.38 -52.15
C SER A 104 19.52 -7.98 -51.76
N VAL A 105 20.43 -8.32 -52.69
CA VAL A 105 21.85 -7.99 -52.61
C VAL A 105 22.11 -6.95 -53.68
N ASP A 106 22.10 -5.69 -53.27
CA ASP A 106 22.24 -4.59 -54.20
C ASP A 106 23.69 -4.12 -54.29
N GLY A 107 23.94 -3.25 -55.27
CA GLY A 107 25.24 -2.60 -55.39
C GLY A 107 26.35 -3.46 -55.91
N LEU A 108 26.01 -4.51 -56.65
CA LEU A 108 27.01 -5.42 -57.17
C LEU A 108 27.61 -4.95 -58.50
N THR A 109 28.83 -5.38 -58.76
CA THR A 109 29.35 -5.30 -60.12
C THR A 109 28.80 -6.47 -60.94
N GLN A 110 28.97 -6.38 -62.26
CA GLN A 110 28.49 -7.51 -63.09
C GLN A 110 29.15 -8.82 -62.67
N ALA A 111 30.45 -8.80 -62.44
CA ALA A 111 31.15 -10.00 -62.03
C ALA A 111 30.62 -10.59 -60.73
N GLN A 112 30.31 -9.85 -59.71
CA GLN A 112 29.83 -10.20 -58.42
C GLN A 112 28.40 -10.75 -58.61
N CYS A 113 27.63 -10.11 -59.46
CA CYS A 113 26.27 -10.62 -59.76
C CYS A 113 26.34 -12.04 -60.29
N LYS A 114 27.17 -12.26 -61.32
CA LYS A 114 27.26 -13.57 -61.91
C LYS A 114 27.82 -14.61 -60.95
N THR A 115 28.85 -14.21 -60.20
CA THR A 115 29.51 -15.14 -59.30
C THR A 115 28.62 -15.52 -58.13
N LEU A 116 27.92 -14.54 -57.58
CA LEU A 116 27.04 -14.78 -56.46
C LEU A 116 25.89 -15.72 -56.84
N ILE A 117 25.28 -15.43 -57.98
CA ILE A 117 24.16 -16.26 -58.44
C ILE A 117 24.60 -17.71 -58.60
N THR A 118 25.77 -17.90 -59.22
CA THR A 118 26.17 -19.30 -59.42
C THR A 118 26.74 -19.94 -58.18
N SER A 119 27.11 -19.17 -57.15
CA SER A 119 27.63 -19.72 -55.92
C SER A 119 26.53 -20.09 -54.93
N VAL A 120 25.50 -19.26 -54.82
CA VAL A 120 24.47 -19.50 -53.80
C VAL A 120 23.12 -19.81 -54.40
N GLY A 121 22.96 -19.70 -55.71
CA GLY A 121 21.65 -19.88 -56.29
C GLY A 121 21.00 -21.22 -56.08
N ASP A 122 21.79 -22.29 -55.91
CA ASP A 122 21.20 -23.60 -55.73
C ASP A 122 20.38 -23.66 -54.45
N MET A 123 20.61 -22.74 -53.52
CA MET A 123 19.90 -22.76 -52.25
C MET A 123 18.54 -22.05 -52.33
N PHE A 124 18.22 -21.43 -53.45
CA PHE A 124 17.00 -20.63 -53.60
C PHE A 124 16.18 -21.06 -54.81
N PRO A 125 14.87 -21.25 -54.64
CA PRO A 125 14.04 -21.57 -55.78
C PRO A 125 13.78 -20.40 -56.73
N TYR A 126 13.97 -19.19 -56.26
CA TYR A 126 13.68 -17.98 -57.03
C TYR A 126 14.93 -17.11 -57.08
N ILE A 127 15.23 -16.57 -58.25
CA ILE A 127 16.28 -15.58 -58.43
C ILE A 127 15.86 -14.54 -59.45
N ALA A 128 16.01 -13.25 -59.16
CA ALA A 128 15.73 -12.17 -60.09
C ALA A 128 16.87 -11.15 -60.06
N ILE A 129 17.09 -10.52 -61.20
CA ILE A 129 18.15 -9.51 -61.35
C ILE A 129 17.58 -8.18 -61.80
N LYS A 130 18.02 -7.10 -61.15
CA LYS A 130 17.82 -5.74 -61.56
C LYS A 130 19.15 -5.18 -62.09
N ALA A 131 19.15 -4.73 -63.33
CA ALA A 131 20.33 -4.05 -63.86
C ALA A 131 20.14 -2.55 -63.76
N GLY A 132 21.23 -1.84 -63.49
CA GLY A 132 21.17 -0.41 -63.53
C GLY A 132 20.48 0.22 -62.34
N GLY A 133 20.42 -0.44 -61.19
CA GLY A 133 19.74 0.13 -60.05
C GLY A 133 19.54 -0.92 -58.97
N ALA A 134 18.74 -0.56 -57.98
CA ALA A 134 18.41 -1.35 -56.82
C ALA A 134 17.15 -2.14 -57.06
N VAL A 135 17.08 -3.33 -56.47
CA VAL A 135 15.84 -4.10 -56.60
C VAL A 135 14.66 -3.32 -56.03
N ALA A 136 13.56 -3.37 -56.75
CA ALA A 136 12.28 -2.79 -56.34
C ALA A 136 11.21 -3.87 -56.36
N LEU A 137 10.12 -3.69 -55.61
CA LEU A 137 9.09 -4.72 -55.51
C LEU A 137 8.59 -5.15 -56.87
N ALA A 138 8.42 -4.17 -57.76
CA ALA A 138 7.83 -4.47 -59.06
C ALA A 138 8.74 -5.39 -59.86
N ASP A 139 10.04 -5.35 -59.59
CA ASP A 139 10.96 -6.22 -60.33
C ASP A 139 10.75 -7.69 -60.03
N LEU A 140 10.15 -8.00 -58.89
CA LEU A 140 10.04 -9.35 -58.42
C LEU A 140 8.90 -10.12 -59.06
N GLY A 141 7.86 -9.45 -59.54
CA GLY A 141 6.73 -10.22 -60.09
C GLY A 141 6.05 -11.05 -59.04
N ASP A 142 5.78 -12.32 -59.40
CA ASP A 142 5.08 -13.25 -58.55
C ASP A 142 5.92 -14.51 -58.43
N PHE A 143 6.12 -15.00 -57.23
CA PHE A 143 6.98 -16.12 -56.94
C PHE A 143 6.61 -17.36 -57.75
N GLU A 144 5.30 -17.57 -57.94
CA GLU A 144 4.85 -18.80 -58.58
C GLU A 144 4.48 -18.59 -60.04
N ASN A 145 4.06 -17.37 -60.41
CA ASN A 145 3.50 -17.19 -61.77
C ASN A 145 4.43 -16.46 -62.72
N SER A 146 5.49 -15.83 -62.21
CA SER A 146 6.44 -15.23 -63.15
C SER A 146 7.41 -16.25 -63.71
N ALA A 147 7.31 -16.52 -64.99
CA ALA A 147 8.21 -17.45 -65.64
C ALA A 147 9.57 -16.80 -65.84
N ALA A 148 10.64 -17.44 -65.51
CA ALA A 148 12.02 -17.22 -65.68
C ALA A 148 12.28 -17.20 -67.19
N ALA A 149 13.14 -16.26 -67.54
CA ALA A 149 13.64 -16.12 -68.91
C ALA A 149 15.16 -15.91 -68.84
N ALA A 150 15.86 -16.95 -68.38
CA ALA A 150 17.28 -16.76 -68.14
C ALA A 150 18.08 -16.49 -69.42
N GLU A 151 17.52 -16.86 -70.56
CA GLU A 151 18.23 -16.53 -71.81
C GLU A 151 18.34 -15.02 -72.01
N THR A 152 17.59 -14.20 -71.30
CA THR A 152 17.72 -12.75 -71.37
C THR A 152 18.73 -12.17 -70.37
N GLY A 153 19.14 -12.95 -69.37
CA GLY A 153 20.16 -12.54 -68.41
C GLY A 153 19.75 -11.52 -67.36
N VAL A 154 18.49 -11.14 -67.29
CA VAL A 154 17.95 -10.10 -66.41
C VAL A 154 16.51 -10.43 -66.11
N GLY A 155 15.95 -9.77 -65.07
CA GLY A 155 14.63 -10.12 -64.58
C GLY A 155 14.65 -11.43 -63.82
N VAL A 156 13.48 -12.08 -63.81
CA VAL A 156 13.40 -13.38 -63.15
C VAL A 156 14.15 -14.42 -63.99
N ILE A 157 15.18 -15.03 -63.39
CA ILE A 157 15.98 -15.99 -64.10
C ILE A 157 15.89 -17.40 -63.51
N LYS A 158 15.16 -17.55 -62.40
CA LYS A 158 14.88 -18.86 -61.80
C LYS A 158 13.57 -18.77 -61.03
N SER A 159 12.61 -19.65 -61.26
CA SER A 159 11.40 -19.67 -60.46
C SER A 159 10.73 -21.05 -60.57
N ILE A 160 9.80 -21.29 -59.66
CA ILE A 160 9.04 -22.55 -59.70
C ILE A 160 7.93 -22.55 -60.74
N ALA A 161 7.72 -21.46 -61.48
CA ALA A 161 6.69 -21.48 -62.52
C ALA A 161 6.94 -22.60 -63.52
N PRO A 162 5.99 -23.44 -63.89
CA PRO A 162 6.32 -24.56 -64.78
C PRO A 162 6.82 -24.13 -66.15
N ALA A 163 6.40 -22.96 -66.63
CA ALA A 163 6.86 -22.47 -67.93
C ALA A 163 8.24 -21.82 -67.87
N SER A 164 8.85 -21.81 -66.69
CA SER A 164 10.15 -21.17 -66.57
C SER A 164 11.23 -21.76 -67.48
N LYS A 165 12.05 -20.88 -68.02
CA LYS A 165 13.34 -21.18 -68.61
C LYS A 165 14.42 -20.77 -67.61
N ASN A 166 14.71 -21.70 -66.71
CA ASN A 166 15.62 -21.42 -65.61
C ASN A 166 17.06 -21.42 -66.08
N LEU A 167 17.87 -20.67 -65.34
CA LEU A 167 19.30 -20.60 -65.61
C LEU A 167 19.90 -21.98 -65.74
N ASP A 168 20.68 -22.29 -66.73
CA ASP A 168 21.17 -23.49 -67.35
C ASP A 168 22.63 -23.20 -67.73
N LEU A 169 23.49 -23.64 -66.83
CA LEU A 169 24.93 -23.36 -67.02
C LEU A 169 25.54 -24.17 -68.14
N THR A 170 24.79 -25.11 -68.70
CA THR A 170 25.30 -25.81 -69.87
C THR A 170 25.10 -25.01 -71.16
N ASN A 171 24.33 -23.94 -71.08
CA ASN A 171 23.96 -23.11 -72.22
C ASN A 171 24.80 -21.84 -72.24
N ILE A 172 25.71 -21.76 -73.19
CA ILE A 172 26.63 -20.63 -73.21
C ILE A 172 25.90 -19.31 -73.33
N THR A 173 24.71 -19.30 -73.95
CA THR A 173 23.93 -18.08 -74.02
C THR A 173 23.56 -17.59 -72.63
N HIS A 174 23.08 -18.52 -71.80
CA HIS A 174 22.71 -18.13 -70.44
C HIS A 174 23.94 -17.65 -69.67
N VAL A 175 25.07 -18.32 -69.83
CA VAL A 175 26.28 -17.97 -69.12
C VAL A 175 26.73 -16.56 -69.51
N GLU A 176 26.77 -16.29 -70.83
CA GLU A 176 27.24 -14.97 -71.28
C GLU A 176 26.27 -13.85 -70.97
N LYS A 177 24.96 -14.10 -71.08
CA LYS A 177 24.00 -13.03 -70.89
C LYS A 177 23.76 -12.71 -69.42
N LEU A 178 24.06 -13.63 -68.51
CA LEU A 178 23.75 -13.48 -67.09
C LEU A 178 24.23 -12.12 -66.56
N CYS A 179 23.31 -11.36 -65.97
CA CYS A 179 23.61 -10.04 -65.42
C CYS A 179 24.01 -9.09 -66.55
N LYS A 180 23.17 -9.12 -67.59
CA LYS A 180 23.32 -8.23 -68.73
C LYS A 180 23.02 -6.79 -68.38
N GLY A 181 23.86 -5.86 -68.80
CA GLY A 181 23.52 -4.46 -68.70
C GLY A 181 24.55 -3.62 -67.96
N THR A 182 24.05 -2.48 -67.52
CA THR A 182 24.90 -1.54 -66.79
C THR A 182 24.73 -1.72 -65.30
N ALA A 183 25.76 -1.32 -64.56
CA ALA A 183 25.78 -1.44 -63.12
C ALA A 183 25.16 -0.22 -62.47
N PRO A 184 24.82 -0.26 -61.18
CA PRO A 184 24.92 -1.41 -60.29
C PRO A 184 23.88 -2.48 -60.61
N PHE A 185 24.15 -3.70 -60.13
CA PHE A 185 23.24 -4.82 -60.19
C PHE A 185 22.70 -5.16 -58.81
N GLY A 186 21.42 -5.47 -58.77
CA GLY A 186 20.79 -6.04 -57.57
C GLY A 186 20.26 -7.43 -57.90
N VAL A 187 20.50 -8.35 -56.99
CA VAL A 187 20.02 -9.70 -57.17
C VAL A 187 19.12 -10.06 -55.98
N ALA A 188 17.94 -10.58 -56.28
CA ALA A 188 16.98 -11.00 -55.29
C ALA A 188 16.90 -12.53 -55.26
N PHE A 189 17.13 -13.05 -54.07
CA PHE A 189 17.10 -14.46 -53.77
C PHE A 189 15.84 -14.77 -52.95
N GLY A 190 14.95 -15.58 -53.52
CA GLY A 190 13.65 -15.74 -52.90
C GLY A 190 13.28 -17.15 -52.51
N ASN A 191 12.35 -17.19 -51.56
CA ASN A 191 11.77 -18.45 -51.08
C ASN A 191 10.37 -18.17 -50.52
N SER A 192 9.74 -19.21 -50.06
CA SER A 192 8.35 -19.10 -49.55
C SER A 192 8.10 -20.21 -48.57
N ASP B 22 -16.28 32.07 11.75
CA ASP B 22 -16.33 33.46 11.26
C ASP B 22 -15.96 34.43 12.38
N SER B 23 -16.09 35.74 12.14
CA SER B 23 -15.60 36.79 13.02
C SER B 23 -16.39 36.90 14.32
N GLN B 24 -15.80 37.63 15.26
CA GLN B 24 -16.44 37.75 16.55
C GLN B 24 -17.84 38.36 16.44
N ASN B 25 -18.04 39.47 15.74
CA ASN B 25 -19.36 40.09 15.70
C ASN B 25 -20.35 39.14 15.05
N MET B 26 -19.95 38.32 14.09
CA MET B 26 -20.85 37.37 13.45
C MET B 26 -21.29 36.22 14.36
N THR B 27 -20.32 35.66 15.09
CA THR B 27 -20.63 34.63 16.09
C THR B 27 -21.55 35.22 17.15
N LYS B 28 -21.31 36.46 17.56
CA LYS B 28 -22.15 37.08 18.58
C LYS B 28 -23.57 37.25 18.06
N ALA B 29 -23.66 37.73 16.83
CA ALA B 29 -24.97 38.00 16.23
C ALA B 29 -25.82 36.74 16.24
N ALA B 30 -25.22 35.64 15.85
CA ALA B 30 -25.88 34.34 15.79
C ALA B 30 -26.40 33.87 17.14
N GLN B 31 -25.53 34.01 18.13
CA GLN B 31 -25.81 33.67 19.51
C GLN B 31 -26.99 34.51 20.01
N SER B 32 -26.88 35.81 19.75
CA SER B 32 -27.95 36.69 20.24
C SER B 32 -29.27 36.42 19.54
N LEU B 33 -29.26 36.29 18.23
CA LEU B 33 -30.49 36.01 17.48
C LEU B 33 -31.19 34.75 17.99
N ASN B 34 -30.44 33.68 18.20
CA ASN B 34 -31.06 32.52 18.80
C ASN B 34 -31.63 32.77 20.19
N SER B 35 -30.84 33.40 21.05
CA SER B 35 -31.36 33.66 22.40
C SER B 35 -32.63 34.48 22.34
N ILE B 36 -32.70 35.49 21.47
CA ILE B 36 -33.87 36.34 21.41
C ILE B 36 -35.09 35.55 20.93
N GLN B 37 -34.90 34.74 19.89
CA GLN B 37 -36.09 34.04 19.39
C GLN B 37 -36.56 32.98 20.40
N VAL B 38 -35.65 32.41 21.16
CA VAL B 38 -36.06 31.47 22.20
C VAL B 38 -36.88 32.20 23.26
N ALA B 39 -36.37 33.37 23.64
CA ALA B 39 -37.07 34.16 24.65
C ALA B 39 -38.45 34.57 24.16
N LEU B 40 -38.57 35.00 22.91
CA LEU B 40 -39.88 35.44 22.43
C LEU B 40 -40.87 34.31 22.36
N THR B 41 -40.44 33.18 21.81
CA THR B 41 -41.39 32.09 21.68
C THR B 41 -41.77 31.52 23.03
N GLN B 42 -40.82 31.39 23.95
CA GLN B 42 -41.15 30.92 25.29
C GLN B 42 -42.09 31.87 26.01
N THR B 43 -41.88 33.17 25.83
CA THR B 43 -42.72 34.13 26.55
C THR B 43 -44.13 34.25 25.96
N TYR B 44 -44.26 34.27 24.64
CA TYR B 44 -45.53 34.63 24.03
C TYR B 44 -46.29 33.54 23.32
N ARG B 45 -45.73 32.38 23.04
CA ARG B 45 -46.58 31.40 22.36
C ARG B 45 -47.84 31.02 23.14
N GLY B 46 -47.86 31.05 24.45
CA GLY B 46 -49.07 30.69 25.20
C GLY B 46 -49.97 31.90 25.44
N LEU B 47 -49.60 33.06 24.91
CA LEU B 47 -50.31 34.29 25.23
C LEU B 47 -51.10 34.84 24.06
N GLY B 48 -51.09 34.10 22.96
CA GLY B 48 -51.99 34.42 21.87
C GLY B 48 -51.47 35.38 20.84
N ASN B 49 -50.61 36.31 21.20
CA ASN B 49 -49.97 37.18 20.23
C ASN B 49 -48.66 37.72 20.78
N TYR B 50 -47.85 38.21 19.85
CA TYR B 50 -46.66 38.99 20.16
C TYR B 50 -47.07 40.44 20.33
N PRO B 51 -46.38 41.25 21.10
CA PRO B 51 -46.82 42.64 21.33
C PRO B 51 -46.81 43.48 20.07
N ALA B 52 -47.86 44.24 19.87
CA ALA B 52 -47.97 45.02 18.64
C ALA B 52 -46.85 46.04 18.47
N THR B 53 -46.40 46.22 17.25
CA THR B 53 -45.38 47.20 16.96
C THR B 53 -45.72 47.93 15.64
N ALA B 54 -46.39 49.07 15.78
CA ALA B 54 -46.88 49.78 14.60
C ALA B 54 -45.76 50.38 13.75
N ASP B 55 -44.61 50.61 14.35
CA ASP B 55 -43.50 51.28 13.70
C ASP B 55 -42.21 50.95 14.43
N ALA B 56 -41.09 51.46 13.93
CA ALA B 56 -39.80 51.13 14.51
C ALA B 56 -39.64 51.62 15.94
N THR B 57 -40.27 52.74 16.27
CA THR B 57 -40.25 53.22 17.64
C THR B 57 -40.82 52.15 18.58
N ALA B 58 -41.97 51.58 18.23
CA ALA B 58 -42.58 50.52 19.05
C ALA B 58 -41.73 49.26 19.05
N ALA B 59 -41.11 48.93 17.91
CA ALA B 59 -40.25 47.75 17.86
C ALA B 59 -39.08 47.94 18.81
N SER B 60 -38.54 49.16 18.85
CA SER B 60 -37.41 49.42 19.73
C SER B 60 -37.81 49.34 21.20
N LYS B 61 -39.03 49.79 21.47
CA LYS B 61 -39.51 49.70 22.86
C LYS B 61 -39.79 48.26 23.26
N LEU B 62 -40.17 47.42 22.30
CA LEU B 62 -40.37 46.00 22.62
C LEU B 62 -39.04 45.38 23.05
N THR B 63 -37.97 45.62 22.27
CA THR B 63 -36.69 45.05 22.64
C THR B 63 -36.26 45.53 24.04
N SER B 64 -36.37 46.83 24.25
CA SER B 64 -35.98 47.39 25.52
C SER B 64 -36.83 46.81 26.66
N GLY B 65 -38.10 46.60 26.34
CA GLY B 65 -39.00 45.99 27.31
C GLY B 65 -38.51 44.60 27.70
N LEU B 66 -38.13 43.81 26.70
CA LEU B 66 -37.67 42.45 26.98
C LEU B 66 -36.38 42.39 27.77
N VAL B 67 -35.46 43.28 27.45
CA VAL B 67 -34.28 43.44 28.28
C VAL B 67 -34.65 43.78 29.72
N SER B 68 -35.62 44.69 29.87
CA SER B 68 -35.99 45.14 31.21
C SER B 68 -36.65 44.06 32.05
N LEU B 69 -37.23 43.03 31.44
CA LEU B 69 -37.79 41.88 32.11
C LEU B 69 -36.78 40.75 32.33
N GLY B 70 -35.54 40.93 31.86
CA GLY B 70 -34.52 39.91 32.04
C GLY B 70 -34.71 38.73 31.12
N LYS B 71 -35.56 38.91 30.09
CA LYS B 71 -35.79 37.82 29.16
C LYS B 71 -34.62 37.67 28.22
N ILE B 72 -34.00 38.81 27.89
CA ILE B 72 -32.73 38.85 27.22
C ILE B 72 -31.82 39.84 27.93
N SER B 73 -30.51 39.63 27.80
CA SER B 73 -29.60 40.57 28.43
C SER B 73 -29.38 41.79 27.54
N SER B 74 -28.85 42.85 28.14
CA SER B 74 -28.53 44.05 27.38
C SER B 74 -27.52 43.73 26.29
N ASP B 75 -26.58 42.83 26.55
CA ASP B 75 -25.61 42.46 25.52
C ASP B 75 -26.27 41.66 24.41
N GLU B 76 -27.19 40.74 24.73
CA GLU B 76 -27.88 39.96 23.71
C GLU B 76 -28.72 40.84 22.79
N ALA B 77 -29.30 41.91 23.34
CA ALA B 77 -30.14 42.80 22.57
C ALA B 77 -29.38 43.63 21.52
N LYS B 78 -28.07 43.76 21.77
CA LYS B 78 -27.29 44.63 20.90
C LYS B 78 -27.07 44.01 19.52
N ASN B 79 -27.28 44.87 18.51
CA ASN B 79 -26.77 44.60 17.19
C ASN B 79 -25.24 44.73 17.27
N PRO B 80 -24.47 43.67 17.10
CA PRO B 80 -23.01 43.81 17.33
C PRO B 80 -22.29 44.62 16.25
N PHE B 81 -22.95 44.88 15.13
CA PHE B 81 -22.34 45.59 14.03
C PHE B 81 -22.47 47.10 14.21
N ILE B 82 -23.51 47.50 14.95
CA ILE B 82 -23.77 48.92 15.09
C ILE B 82 -23.89 49.37 16.53
N GLY B 83 -24.02 48.47 17.49
CA GLY B 83 -23.88 48.83 18.87
C GLY B 83 -25.16 49.29 19.55
N THR B 84 -26.27 49.32 18.84
CA THR B 84 -27.58 49.61 19.42
C THR B 84 -28.49 48.40 19.35
N ASN B 85 -29.59 48.44 20.09
CA ASN B 85 -30.50 47.31 20.21
C ASN B 85 -31.13 46.93 18.87
N MET B 86 -31.22 45.63 18.62
CA MET B 86 -32.02 45.17 17.50
C MET B 86 -33.52 45.37 17.71
N ASN B 87 -34.22 45.90 16.72
CA ASN B 87 -35.67 46.05 16.81
C ASN B 87 -36.35 44.68 16.68
N ILE B 88 -37.44 44.48 17.41
CA ILE B 88 -38.30 43.31 17.24
C ILE B 88 -39.68 43.78 16.79
N PHE B 89 -40.10 43.35 15.63
CA PHE B 89 -41.42 43.63 15.08
C PHE B 89 -42.32 42.42 15.21
N SER B 90 -43.58 42.45 15.48
CA SER B 90 -44.70 41.65 15.39
C SER B 90 -45.43 41.99 14.10
N PHE B 91 -45.82 40.90 13.44
CA PHE B 91 -46.43 41.06 12.11
C PHE B 91 -47.42 39.93 11.87
N PRO B 92 -48.26 40.06 10.83
CA PRO B 92 -49.34 39.08 10.66
C PRO B 92 -48.89 37.72 10.16
N ARG B 93 -49.72 36.73 10.51
CA ARG B 93 -49.59 35.39 10.00
C ARG B 93 -50.94 34.92 9.48
N ASN B 94 -51.00 34.68 8.19
CA ASN B 94 -52.25 34.28 7.51
C ASN B 94 -53.37 35.25 7.86
N ALA B 95 -53.05 36.53 7.86
CA ALA B 95 -53.95 37.64 8.06
C ALA B 95 -54.39 37.78 9.50
N ALA B 96 -53.83 37.04 10.42
CA ALA B 96 -54.07 37.26 11.85
C ALA B 96 -52.97 38.17 12.42
N ALA B 97 -53.34 39.28 13.03
CA ALA B 97 -52.39 40.28 13.45
C ALA B 97 -51.50 39.76 14.55
N ASN B 98 -50.23 40.17 14.45
CA ASN B 98 -49.30 39.93 15.57
C ASN B 98 -49.06 38.52 15.98
N LYS B 99 -49.07 37.63 14.99
CA LYS B 99 -48.92 36.23 15.30
C LYS B 99 -47.54 35.73 14.92
N ALA B 100 -46.69 36.59 14.37
CA ALA B 100 -45.30 36.27 14.10
C ALA B 100 -44.44 37.44 14.57
N PHE B 101 -43.13 37.22 14.66
CA PHE B 101 -42.22 38.30 14.94
C PHE B 101 -41.03 38.22 13.98
N ALA B 102 -40.32 39.34 13.89
CA ALA B 102 -39.07 39.39 13.16
C ALA B 102 -38.08 40.27 13.95
N ILE B 103 -36.88 39.74 14.10
CA ILE B 103 -35.78 40.44 14.74
C ILE B 103 -34.98 41.11 13.62
N SER B 104 -34.85 42.43 13.71
CA SER B 104 -34.19 43.10 12.60
C SER B 104 -32.76 43.50 12.95
N VAL B 105 -31.86 43.15 12.04
CA VAL B 105 -30.43 43.47 12.12
C VAL B 105 -30.17 44.51 11.02
N ASP B 106 -30.18 45.78 11.46
CA ASP B 106 -30.06 46.91 10.56
C ASP B 106 -28.62 47.35 10.42
N GLY B 107 -28.38 48.19 9.44
CA GLY B 107 -27.09 48.87 9.37
C GLY B 107 -25.96 48.02 8.83
N LEU B 108 -26.26 46.99 8.08
CA LEU B 108 -25.23 46.08 7.58
C LEU B 108 -24.65 46.53 6.23
N THR B 109 -23.42 46.12 6.01
CA THR B 109 -22.87 46.17 4.66
C THR B 109 -23.41 44.96 3.86
N GLN B 110 -23.23 44.98 2.55
CA GLN B 110 -23.69 43.86 1.74
C GLN B 110 -23.03 42.57 2.18
N ALA B 111 -21.72 42.61 2.42
CA ALA B 111 -20.98 41.42 2.83
C ALA B 111 -21.52 40.83 4.12
N GLN B 112 -21.84 41.63 5.11
CA GLN B 112 -22.34 41.33 6.42
C GLN B 112 -23.75 40.73 6.26
N CYS B 113 -24.56 41.31 5.40
CA CYS B 113 -25.89 40.79 5.10
C CYS B 113 -25.80 39.37 4.61
N LYS B 114 -24.93 39.14 3.61
CA LYS B 114 -24.82 37.82 3.02
C LYS B 114 -24.28 36.79 4.00
N THR B 115 -23.25 37.19 4.72
CA THR B 115 -22.61 36.31 5.69
C THR B 115 -23.52 35.95 6.83
N LEU B 116 -24.24 36.95 7.37
CA LEU B 116 -25.14 36.65 8.47
C LEU B 116 -26.28 35.75 8.05
N ILE B 117 -26.88 36.05 6.91
CA ILE B 117 -27.99 35.18 6.49
C ILE B 117 -27.53 33.74 6.33
N THR B 118 -26.33 33.55 5.78
CA THR B 118 -25.84 32.20 5.56
C THR B 118 -25.39 31.52 6.85
N SER B 119 -25.04 32.30 7.87
CA SER B 119 -24.55 31.74 9.12
C SER B 119 -25.70 31.32 10.05
N VAL B 120 -26.73 32.15 10.11
CA VAL B 120 -27.81 31.89 11.08
C VAL B 120 -29.15 31.59 10.45
N GLY B 121 -29.29 31.72 9.13
CA GLY B 121 -30.60 31.55 8.51
C GLY B 121 -31.24 30.19 8.72
N ASP B 122 -30.45 29.13 8.86
CA ASP B 122 -31.05 27.82 9.07
C ASP B 122 -31.92 27.74 10.32
N MET B 123 -31.71 28.64 11.25
CA MET B 123 -32.47 28.61 12.50
C MET B 123 -33.78 29.38 12.43
N PHE B 124 -34.08 30.02 11.32
CA PHE B 124 -35.26 30.85 11.16
C PHE B 124 -36.10 30.42 9.97
N PRO B 125 -37.39 30.21 10.14
CA PRO B 125 -38.22 29.89 8.98
C PRO B 125 -38.50 31.05 8.02
N TYR B 126 -38.29 32.26 8.48
CA TYR B 126 -38.58 33.48 7.73
C TYR B 126 -37.33 34.33 7.69
N ILE B 127 -37.01 34.88 6.51
CA ILE B 127 -35.92 35.83 6.34
C ILE B 127 -36.36 36.84 5.28
N ALA B 128 -36.23 38.13 5.59
CA ALA B 128 -36.48 39.20 4.64
C ALA B 128 -35.35 40.23 4.65
N ILE B 129 -35.11 40.84 3.50
CA ILE B 129 -34.07 41.84 3.34
C ILE B 129 -34.63 43.18 2.87
N LYS B 130 -34.23 44.23 3.57
CA LYS B 130 -34.42 45.61 3.17
C LYS B 130 -33.12 46.18 2.65
N ALA B 131 -33.10 46.61 1.40
CA ALA B 131 -31.95 47.31 0.86
C ALA B 131 -32.11 48.82 0.98
N GLY B 132 -31.01 49.53 1.21
CA GLY B 132 -30.99 50.97 1.21
C GLY B 132 -31.74 51.62 2.33
N GLY B 133 -31.85 50.91 3.47
CA GLY B 133 -32.57 51.55 4.57
C GLY B 133 -32.80 50.53 5.66
N ALA B 134 -33.69 50.92 6.58
CA ALA B 134 -33.99 50.13 7.75
C ALA B 134 -35.27 49.32 7.54
N VAL B 135 -35.30 48.15 8.18
CA VAL B 135 -36.50 47.34 8.12
C VAL B 135 -37.68 48.10 8.74
N ALA B 136 -38.82 47.98 8.08
CA ALA B 136 -40.07 48.53 8.55
C ALA B 136 -41.15 47.43 8.55
N LEU B 137 -42.19 47.64 9.32
CA LEU B 137 -43.27 46.67 9.40
C LEU B 137 -43.79 46.28 8.03
N ALA B 138 -44.02 47.26 7.14
CA ALA B 138 -44.60 46.95 5.84
C ALA B 138 -43.69 46.10 4.98
N ASP B 139 -42.39 46.11 5.25
CA ASP B 139 -41.47 45.29 4.48
C ASP B 139 -41.68 43.80 4.76
N LEU B 140 -42.26 43.46 5.88
CA LEU B 140 -42.33 42.07 6.34
C LEU B 140 -43.46 41.27 5.71
N GLY B 141 -44.48 41.98 5.23
CA GLY B 141 -45.59 41.24 4.69
C GLY B 141 -46.30 40.37 5.69
N ASP B 142 -46.52 39.11 5.41
CA ASP B 142 -47.24 38.12 6.16
C ASP B 142 -46.40 36.87 6.27
N PHE B 143 -46.22 36.36 7.47
CA PHE B 143 -45.31 35.27 7.74
C PHE B 143 -45.66 34.02 6.97
N GLU B 144 -46.94 33.81 6.75
CA GLU B 144 -47.44 32.59 6.11
C GLU B 144 -47.75 32.79 4.64
N ASN B 145 -48.16 34.01 4.25
CA ASN B 145 -48.74 34.20 2.93
C ASN B 145 -47.79 34.90 1.97
N SER B 146 -46.71 35.49 2.49
CA SER B 146 -45.73 36.11 1.58
C SER B 146 -44.76 35.08 1.03
N ALA B 147 -44.84 34.86 -0.25
CA ALA B 147 -43.94 33.90 -0.90
C ALA B 147 -42.59 34.54 -1.12
N ALA B 148 -41.54 33.90 -0.83
CA ALA B 148 -40.13 34.09 -0.94
C ALA B 148 -39.83 34.05 -2.45
N ALA B 149 -38.95 34.96 -2.79
CA ALA B 149 -38.44 35.02 -4.16
C ALA B 149 -36.93 35.22 -4.05
N ALA B 150 -36.21 34.18 -3.61
CA ALA B 150 -34.80 34.39 -3.30
C ALA B 150 -33.95 34.70 -4.51
N GLU B 151 -34.43 34.35 -5.70
CA GLU B 151 -33.66 34.68 -6.89
C GLU B 151 -33.54 36.18 -7.12
N THR B 152 -34.36 36.98 -6.46
CA THR B 152 -34.27 38.44 -6.58
C THR B 152 -33.27 39.01 -5.60
N GLY B 153 -32.86 38.28 -4.58
CA GLY B 153 -31.90 38.76 -3.63
C GLY B 153 -32.33 39.78 -2.61
N VAL B 154 -33.58 40.15 -2.53
CA VAL B 154 -34.11 41.19 -1.67
C VAL B 154 -35.58 40.88 -1.37
N GLY B 155 -36.14 41.51 -0.34
CA GLY B 155 -37.50 41.22 0.09
C GLY B 155 -37.53 39.90 0.86
N VAL B 156 -38.65 39.24 0.84
CA VAL B 156 -38.78 37.94 1.52
C VAL B 156 -38.00 36.91 0.70
N ILE B 157 -36.99 36.33 1.35
CA ILE B 157 -36.19 35.31 0.64
C ILE B 157 -36.33 33.93 1.28
N LYS B 158 -37.05 33.82 2.37
CA LYS B 158 -37.35 32.52 2.97
C LYS B 158 -38.65 32.68 3.73
N SER B 159 -39.61 31.79 3.53
CA SER B 159 -40.81 31.75 4.33
C SER B 159 -41.53 30.40 4.23
N ILE B 160 -42.48 30.16 5.13
CA ILE B 160 -43.22 28.92 5.12
C ILE B 160 -44.33 28.92 4.04
N ALA B 161 -44.53 29.98 3.31
CA ALA B 161 -45.55 29.98 2.26
C ALA B 161 -45.29 28.79 1.31
N PRO B 162 -46.26 27.93 1.01
CA PRO B 162 -45.93 26.77 0.17
C PRO B 162 -45.41 27.13 -1.21
N ALA B 163 -45.77 28.29 -1.78
CA ALA B 163 -45.27 28.72 -3.07
C ALA B 163 -43.91 29.39 -3.02
N SER B 164 -43.29 29.48 -1.84
CA SER B 164 -41.99 30.09 -1.71
C SER B 164 -40.90 29.46 -2.58
N LYS B 165 -40.05 30.33 -3.11
CA LYS B 165 -38.77 29.97 -3.72
C LYS B 165 -37.74 30.43 -2.69
N ASN B 166 -37.48 29.56 -1.74
CA ASN B 166 -36.57 29.89 -0.64
C ASN B 166 -35.11 29.87 -1.07
N LEU B 167 -34.30 30.63 -0.35
CA LEU B 167 -32.87 30.65 -0.59
C LEU B 167 -32.27 29.26 -0.63
N ASP B 168 -31.47 28.94 -1.58
CA ASP B 168 -30.95 27.72 -2.12
C ASP B 168 -29.48 27.99 -2.45
N LEU B 169 -28.66 27.60 -1.50
CA LEU B 169 -27.22 27.86 -1.66
C LEU B 169 -26.57 26.96 -2.69
N THR B 170 -27.30 25.99 -3.26
CA THR B 170 -26.74 25.24 -4.37
C THR B 170 -26.91 26.01 -5.69
N ASN B 171 -27.68 27.10 -5.73
CA ASN B 171 -27.95 27.88 -6.92
C ASN B 171 -27.07 29.14 -6.88
N ILE B 172 -26.06 29.18 -7.76
CA ILE B 172 -25.14 30.34 -7.73
C ILE B 172 -25.85 31.65 -8.01
N THR B 173 -27.00 31.62 -8.69
CA THR B 173 -27.72 32.87 -8.89
C THR B 173 -28.26 33.40 -7.57
N HIS B 174 -28.79 32.51 -6.74
CA HIS B 174 -29.23 32.94 -5.41
C HIS B 174 -28.06 33.50 -4.60
N VAL B 175 -26.93 32.84 -4.67
CA VAL B 175 -25.75 33.25 -3.94
C VAL B 175 -25.27 34.62 -4.38
N GLU B 176 -25.19 34.83 -5.68
CA GLU B 176 -24.74 36.10 -6.21
C GLU B 176 -25.73 37.25 -5.95
N LYS B 177 -27.01 36.98 -6.07
CA LYS B 177 -28.03 38.03 -5.93
C LYS B 177 -28.27 38.42 -4.47
N LEU B 178 -27.92 37.55 -3.53
CA LEU B 178 -28.30 37.72 -2.13
C LEU B 178 -27.85 39.09 -1.64
N CYS B 179 -28.75 39.86 -1.06
CA CYS B 179 -28.50 41.22 -0.57
C CYS B 179 -28.15 42.17 -1.71
N LYS B 180 -29.09 42.22 -2.66
CA LYS B 180 -28.98 43.05 -3.84
C LYS B 180 -29.36 44.49 -3.53
N GLY B 181 -28.49 45.38 -3.97
CA GLY B 181 -28.79 46.80 -3.91
C GLY B 181 -27.74 47.64 -3.22
N THR B 182 -28.18 48.81 -2.77
CA THR B 182 -27.30 49.71 -2.04
C THR B 182 -27.52 49.57 -0.54
N ALA B 183 -26.53 50.07 0.18
CA ALA B 183 -26.49 49.98 1.65
C ALA B 183 -27.16 51.17 2.27
N PRO B 184 -27.50 51.11 3.55
CA PRO B 184 -27.36 49.97 4.46
C PRO B 184 -28.42 48.91 4.13
N PHE B 185 -28.09 47.69 4.57
CA PHE B 185 -29.02 46.58 4.55
C PHE B 185 -29.57 46.26 5.93
N GLY B 186 -30.88 45.95 5.97
CA GLY B 186 -31.46 45.40 7.19
C GLY B 186 -32.01 44.01 6.86
N VAL B 187 -31.76 43.10 7.77
CA VAL B 187 -32.27 41.74 7.61
C VAL B 187 -33.15 41.40 8.79
N ALA B 188 -34.32 40.85 8.47
CA ALA B 188 -35.32 40.44 9.43
C ALA B 188 -35.38 38.93 9.51
N PHE B 189 -35.13 38.42 10.70
CA PHE B 189 -35.15 36.99 10.98
C PHE B 189 -36.41 36.69 11.79
N GLY B 190 -37.30 35.87 11.23
CA GLY B 190 -38.64 35.70 11.76
C GLY B 190 -38.98 34.31 12.21
N ASN B 191 -39.92 34.27 13.16
CA ASN B 191 -40.49 33.00 13.61
C ASN B 191 -41.89 33.30 14.16
N SER B 192 -42.55 32.26 14.62
CA SER B 192 -43.91 32.35 15.13
C SER B 192 -44.18 31.25 16.15
N ASP C 22 37.49 -33.87 42.29
CA ASP C 22 37.85 -33.63 43.67
C ASP C 22 38.09 -32.15 43.90
N SER C 23 37.41 -31.24 43.18
CA SER C 23 37.67 -29.87 43.66
C SER C 23 36.94 -29.79 45.02
N GLN C 24 37.62 -29.19 45.98
CA GLN C 24 37.05 -29.07 47.33
C GLN C 24 35.64 -28.49 47.26
N ASN C 25 35.43 -27.43 46.50
CA ASN C 25 34.14 -26.76 46.57
C ASN C 25 33.05 -27.64 45.96
N MET C 26 33.34 -28.45 44.94
CA MET C 26 32.35 -29.33 44.32
C MET C 26 31.93 -30.47 45.22
N THR C 27 32.94 -31.02 45.90
CA THR C 27 32.67 -32.17 46.77
C THR C 27 31.89 -31.64 47.96
N LYS C 28 32.24 -30.44 48.43
CA LYS C 28 31.46 -29.88 49.55
C LYS C 28 30.02 -29.63 49.12
N ALA C 29 29.87 -29.05 47.92
CA ALA C 29 28.53 -28.73 47.44
C ALA C 29 27.67 -29.99 47.36
N ALA C 30 28.26 -31.05 46.82
CA ALA C 30 27.53 -32.30 46.68
C ALA C 30 27.09 -32.84 48.03
N GLN C 31 27.98 -32.82 49.02
CA GLN C 31 27.59 -33.37 50.31
C GLN C 31 26.58 -32.45 50.99
N SER C 32 26.75 -31.14 50.81
CA SER C 32 25.75 -30.29 51.46
C SER C 32 24.38 -30.43 50.83
N LEU C 33 24.34 -30.51 49.51
CA LEU C 33 23.05 -30.66 48.81
C LEU C 33 22.36 -31.94 49.26
N ASN C 34 23.12 -33.02 49.40
CA ASN C 34 22.50 -34.26 49.86
C ASN C 34 21.95 -34.10 51.27
N SER C 35 22.78 -33.53 52.16
CA SER C 35 22.32 -33.41 53.54
C SER C 35 21.07 -32.56 53.64
N ILE C 36 21.04 -31.51 52.82
CA ILE C 36 19.86 -30.61 52.89
C ILE C 36 18.62 -31.31 52.41
N GLN C 37 18.71 -32.07 51.31
CA GLN C 37 17.47 -32.66 50.80
C GLN C 37 17.04 -33.77 51.73
N VAL C 38 17.96 -34.45 52.38
CA VAL C 38 17.56 -35.42 53.40
C VAL C 38 16.84 -34.73 54.55
N ALA C 39 17.38 -33.62 55.04
CA ALA C 39 16.77 -32.90 56.16
C ALA C 39 15.37 -32.46 55.79
N LEU C 40 15.20 -31.97 54.54
CA LEU C 40 13.90 -31.46 54.14
C LEU C 40 12.89 -32.59 54.01
N THR C 41 13.26 -33.69 53.35
CA THR C 41 12.27 -34.76 53.15
C THR C 41 11.92 -35.38 54.50
N GLN C 42 12.92 -35.59 55.36
CA GLN C 42 12.64 -36.18 56.66
C GLN C 42 11.79 -35.28 57.54
N THR C 43 11.97 -33.98 57.38
CA THR C 43 11.20 -33.08 58.25
C THR C 43 9.79 -32.84 57.77
N TYR C 44 9.61 -32.67 56.46
CA TYR C 44 8.33 -32.21 55.93
C TYR C 44 7.50 -33.20 55.16
N ARG C 45 7.99 -34.34 54.73
CA ARG C 45 7.09 -35.25 53.99
C ARG C 45 5.85 -35.67 54.78
N GLY C 46 5.90 -35.76 56.10
CA GLY C 46 4.72 -36.13 56.91
C GLY C 46 3.90 -34.94 57.34
N LEU C 47 4.28 -33.73 56.94
CA LEU C 47 3.56 -32.52 57.31
C LEU C 47 2.77 -31.91 56.18
N GLY C 48 2.74 -32.62 55.06
CA GLY C 48 1.87 -32.24 53.99
C GLY C 48 2.42 -31.24 52.99
N ASN C 49 3.28 -30.34 53.42
CA ASN C 49 3.87 -29.31 52.54
C ASN C 49 5.23 -28.87 53.07
N TYR C 50 5.99 -28.31 52.14
CA TYR C 50 7.21 -27.60 52.50
C TYR C 50 6.86 -26.15 52.82
N PRO C 51 7.63 -25.46 53.65
CA PRO C 51 7.24 -24.10 54.04
C PRO C 51 7.18 -23.16 52.84
N ALA C 52 6.17 -22.30 52.82
CA ALA C 52 5.96 -21.40 51.69
C ALA C 52 7.11 -20.41 51.53
N THR C 53 7.50 -20.15 50.27
CA THR C 53 8.54 -19.17 50.00
C THR C 53 8.11 -18.29 48.81
N ALA C 54 7.55 -17.14 49.13
CA ALA C 54 6.96 -16.26 48.10
C ALA C 54 8.00 -15.62 47.20
N ASP C 55 9.21 -15.51 47.73
CA ASP C 55 10.32 -14.92 46.99
C ASP C 55 11.64 -15.39 47.56
N ALA C 56 12.73 -14.87 46.98
CA ALA C 56 14.05 -15.35 47.38
C ALA C 56 14.37 -15.02 48.83
N THR C 57 13.87 -13.90 49.30
CA THR C 57 14.06 -13.57 50.71
C THR C 57 13.45 -14.62 51.62
N ALA C 58 12.24 -15.06 51.32
CA ALA C 58 11.63 -16.15 52.09
C ALA C 58 12.40 -17.45 51.96
N ALA C 59 12.97 -17.70 50.80
CA ALA C 59 13.76 -18.91 50.60
C ALA C 59 15.02 -18.84 51.46
N SER C 60 15.58 -17.65 51.59
CA SER C 60 16.76 -17.47 52.44
C SER C 60 16.40 -17.70 53.91
N LYS C 61 15.22 -17.24 54.29
CA LYS C 61 14.79 -17.37 55.68
C LYS C 61 14.49 -18.82 55.99
N LEU C 62 14.01 -19.57 55.00
CA LEU C 62 13.83 -21.02 55.18
C LEU C 62 15.16 -21.69 55.49
N THR C 63 16.19 -21.38 54.72
CA THR C 63 17.48 -22.01 54.99
C THR C 63 17.98 -21.62 56.37
N SER C 64 17.90 -20.33 56.69
CA SER C 64 18.35 -19.90 58.01
C SER C 64 17.52 -20.56 59.11
N GLY C 65 16.22 -20.68 58.85
CA GLY C 65 15.38 -21.36 59.83
C GLY C 65 15.81 -22.79 60.06
N LEU C 66 16.14 -23.52 59.00
CA LEU C 66 16.56 -24.91 59.18
C LEU C 66 17.89 -25.02 59.92
N VAL C 67 18.82 -24.11 59.65
CA VAL C 67 20.04 -24.03 60.43
C VAL C 67 19.74 -23.81 61.92
N SER C 68 18.85 -22.87 62.19
CA SER C 68 18.52 -22.51 63.57
C SER C 68 17.91 -23.70 64.27
N LEU C 69 17.27 -24.65 63.58
CA LEU C 69 16.64 -25.81 64.18
C LEU C 69 17.58 -27.00 64.29
N GLY C 70 18.79 -26.82 63.79
CA GLY C 70 19.79 -27.89 63.86
C GLY C 70 19.53 -29.00 62.86
N LYS C 71 18.69 -28.74 61.88
CA LYS C 71 18.41 -29.76 60.87
C LYS C 71 19.53 -29.86 59.84
N ILE C 72 20.18 -28.73 59.61
CA ILE C 72 21.43 -28.68 58.87
C ILE C 72 22.38 -27.72 59.57
N SER C 73 23.67 -28.02 59.35
CA SER C 73 24.66 -27.18 60.01
C SER C 73 24.83 -25.88 59.24
N SER C 74 25.44 -24.91 59.89
CA SER C 74 25.73 -23.65 59.21
C SER C 74 26.66 -23.92 58.04
N ASP C 75 27.63 -24.82 58.21
CA ASP C 75 28.53 -25.08 57.09
C ASP C 75 27.79 -25.74 55.94
N GLU C 76 26.89 -26.67 56.25
CA GLU C 76 26.10 -27.30 55.19
C GLU C 76 25.27 -26.28 54.40
N ALA C 77 24.77 -25.25 55.08
CA ALA C 77 23.88 -24.28 54.41
C ALA C 77 24.62 -23.42 53.42
N LYS C 78 25.94 -23.35 53.59
CA LYS C 78 26.69 -22.42 52.76
C LYS C 78 26.91 -22.92 51.34
N ASN C 79 26.66 -21.99 50.42
CA ASN C 79 27.05 -22.16 49.04
C ASN C 79 28.58 -22.04 49.04
N PRO C 80 29.32 -23.11 48.75
CA PRO C 80 30.79 -23.01 48.93
C PRO C 80 31.44 -22.20 47.83
N PHE C 81 30.69 -21.83 46.80
CA PHE C 81 31.26 -20.97 45.73
C PHE C 81 31.18 -19.50 46.08
N ILE C 82 30.22 -19.08 46.91
CA ILE C 82 30.06 -17.64 47.15
C ILE C 82 30.03 -17.28 48.63
N GLY C 83 29.85 -18.21 49.55
CA GLY C 83 30.03 -18.01 50.97
C GLY C 83 28.79 -17.57 51.71
N THR C 84 27.67 -17.51 51.01
CA THR C 84 26.40 -17.17 51.65
C THR C 84 25.50 -18.42 51.59
N ASN C 85 24.43 -18.45 52.38
CA ASN C 85 23.56 -19.60 52.42
C ASN C 85 22.89 -19.87 51.08
N MET C 86 22.71 -21.15 50.77
CA MET C 86 21.87 -21.54 49.65
C MET C 86 20.39 -21.29 49.94
N ASN C 87 19.65 -20.71 49.02
CA ASN C 87 18.23 -20.55 49.18
C ASN C 87 17.50 -21.87 48.97
N ILE C 88 16.41 -22.08 49.68
CA ILE C 88 15.52 -23.21 49.52
C ILE C 88 14.13 -22.68 49.21
N PHE C 89 13.68 -22.95 48.00
CA PHE C 89 12.34 -22.65 47.58
C PHE C 89 11.40 -23.83 47.72
N SER C 90 10.15 -23.58 48.06
CA SER C 90 9.05 -24.50 47.87
C SER C 90 8.26 -24.05 46.64
N PHE C 91 7.77 -25.04 45.91
CA PHE C 91 7.08 -24.73 44.64
C PHE C 91 6.05 -25.82 44.35
N PRO C 92 5.18 -25.57 43.40
CA PRO C 92 4.07 -26.50 43.17
C PRO C 92 4.46 -27.83 42.55
N ARG C 93 3.59 -28.79 42.86
CA ARG C 93 3.68 -30.10 42.24
C ARG C 93 2.29 -30.49 41.70
N ASN C 94 2.15 -30.59 40.40
CA ASN C 94 0.87 -30.91 39.77
C ASN C 94 -0.22 -29.97 40.29
N ALA C 95 0.15 -28.69 40.37
CA ALA C 95 -0.75 -27.58 40.69
C ALA C 95 -1.12 -27.52 42.15
N ALA C 96 -0.50 -28.33 43.01
CA ALA C 96 -0.67 -28.25 44.44
C ALA C 96 0.50 -27.45 45.04
N ALA C 97 0.19 -26.40 45.76
CA ALA C 97 1.21 -25.47 46.24
C ALA C 97 2.14 -26.14 47.24
N ASN C 98 3.41 -25.77 47.16
CA ASN C 98 4.40 -26.04 48.18
C ASN C 98 4.57 -27.53 48.43
N LYS C 99 4.46 -28.30 47.36
CA LYS C 99 4.61 -29.74 47.49
C LYS C 99 5.96 -30.26 47.02
N ALA C 100 6.78 -29.40 46.51
CA ALA C 100 8.15 -29.72 46.11
C ALA C 100 9.08 -28.62 46.64
N PHE C 101 10.37 -28.91 46.64
CA PHE C 101 11.35 -27.89 47.01
C PHE C 101 12.48 -27.88 45.97
N ALA C 102 13.22 -26.80 45.97
CA ALA C 102 14.44 -26.71 45.18
C ALA C 102 15.50 -25.93 45.97
N ILE C 103 16.68 -26.53 46.02
CA ILE C 103 17.82 -25.89 46.67
C ILE C 103 18.63 -25.19 45.57
N SER C 104 18.83 -23.88 45.71
CA SER C 104 19.49 -23.16 44.65
C SER C 104 20.93 -22.85 45.02
N VAL C 105 21.79 -23.14 44.05
CA VAL C 105 23.21 -22.84 44.10
C VAL C 105 23.47 -21.74 43.08
N ASP C 106 23.56 -20.51 43.58
CA ASP C 106 23.66 -19.33 42.75
C ASP C 106 25.11 -18.89 42.62
N GLY C 107 25.35 -17.99 41.69
CA GLY C 107 26.60 -17.30 41.55
C GLY C 107 27.69 -18.12 40.89
N LEU C 108 27.31 -19.13 40.10
CA LEU C 108 28.29 -19.99 39.44
C LEU C 108 28.81 -19.43 38.12
N THR C 109 30.02 -19.84 37.73
CA THR C 109 30.45 -19.63 36.36
C THR C 109 29.81 -20.74 35.50
N GLN C 110 29.88 -20.58 34.19
CA GLN C 110 29.32 -21.63 33.32
C GLN C 110 29.96 -22.98 33.59
N ALA C 111 31.28 -23.00 33.78
CA ALA C 111 31.99 -24.24 34.04
C ALA C 111 31.51 -24.97 35.29
N GLN C 112 31.29 -24.26 36.36
CA GLN C 112 30.87 -24.69 37.66
C GLN C 112 29.45 -25.20 37.53
N CYS C 113 28.64 -24.47 36.79
CA CYS C 113 27.24 -24.94 36.56
C CYS C 113 27.24 -26.33 35.96
N LYS C 114 28.04 -26.51 34.88
CA LYS C 114 28.07 -27.78 34.16
C LYS C 114 28.61 -28.90 35.05
N THR C 115 29.68 -28.59 35.79
CA THR C 115 30.35 -29.58 36.64
C THR C 115 29.47 -30.01 37.79
N LEU C 116 28.82 -29.03 38.42
CA LEU C 116 27.98 -29.37 39.58
C LEU C 116 26.80 -30.22 39.18
N ILE C 117 26.17 -29.85 38.07
CA ILE C 117 25.01 -30.64 37.60
C ILE C 117 25.41 -32.08 37.30
N THR C 118 26.58 -32.24 36.68
CA THR C 118 26.83 -33.67 36.40
C THR C 118 27.44 -34.35 37.61
N SER C 119 27.96 -33.68 38.61
CA SER C 119 28.46 -34.38 39.79
C SER C 119 27.34 -34.81 40.74
N VAL C 120 26.31 -33.99 40.93
CA VAL C 120 25.29 -34.28 41.92
C VAL C 120 23.91 -34.53 41.32
N GLY C 121 23.74 -34.31 40.03
CA GLY C 121 22.40 -34.35 39.44
C GLY C 121 21.72 -35.70 39.60
N ASP C 122 22.49 -36.78 39.62
CA ASP C 122 21.86 -38.10 39.74
C ASP C 122 21.09 -38.27 41.04
N MET C 123 21.37 -37.45 42.03
CA MET C 123 20.67 -37.55 43.30
C MET C 123 19.36 -36.75 43.38
N PHE C 124 19.01 -36.04 42.33
CA PHE C 124 17.83 -35.19 42.30
C PHE C 124 16.92 -35.45 41.11
N PRO C 125 15.63 -35.63 41.33
CA PRO C 125 14.73 -35.84 40.18
C PRO C 125 14.45 -34.62 39.33
N TYR C 126 14.74 -33.45 39.89
CA TYR C 126 14.47 -32.17 39.24
C TYR C 126 15.75 -31.36 39.19
N ILE C 127 16.02 -30.76 38.04
CA ILE C 127 17.13 -29.80 37.93
C ILE C 127 16.72 -28.67 37.00
N ALA C 128 16.91 -27.42 37.39
CA ALA C 128 16.62 -26.28 36.54
C ALA C 128 17.79 -25.30 36.60
N ILE C 129 18.03 -24.59 35.51
CA ILE C 129 19.10 -23.62 35.37
C ILE C 129 18.57 -22.24 35.07
N LYS C 130 19.07 -21.26 35.80
CA LYS C 130 18.88 -19.85 35.54
C LYS C 130 20.17 -19.26 34.99
N ALA C 131 20.11 -18.67 33.82
CA ALA C 131 21.23 -17.92 33.25
C ALA C 131 21.05 -16.44 33.53
N GLY C 132 22.12 -15.74 33.77
CA GLY C 132 22.10 -14.31 33.91
C GLY C 132 21.46 -13.81 35.20
N GLY C 133 21.52 -14.59 36.27
CA GLY C 133 20.92 -14.17 37.51
C GLY C 133 20.80 -15.31 38.50
N ALA C 134 20.19 -15.01 39.64
CA ALA C 134 19.91 -15.97 40.69
C ALA C 134 18.56 -16.64 40.41
N VAL C 135 18.47 -17.90 40.82
CA VAL C 135 17.21 -18.60 40.75
C VAL C 135 16.08 -17.82 41.46
N ALA C 136 14.97 -17.71 40.75
CA ALA C 136 13.75 -17.07 41.26
C ALA C 136 12.63 -18.09 41.27
N LEU C 137 11.61 -17.86 42.09
CA LEU C 137 10.51 -18.80 42.24
C LEU C 137 9.86 -19.14 40.89
N ALA C 138 9.67 -18.10 40.08
CA ALA C 138 8.94 -18.32 38.83
C ALA C 138 9.75 -19.15 37.83
N ASP C 139 11.06 -19.22 37.97
CA ASP C 139 11.89 -20.04 37.10
C ASP C 139 11.63 -21.52 37.28
N LEU C 140 11.10 -21.89 38.45
CA LEU C 140 11.01 -23.32 38.77
C LEU C 140 9.84 -24.02 38.12
N GLY C 141 8.77 -23.31 37.78
CA GLY C 141 7.65 -23.97 37.12
C GLY C 141 6.91 -24.85 38.13
N ASP C 142 6.64 -26.07 37.72
CA ASP C 142 5.93 -27.08 38.49
C ASP C 142 6.74 -28.37 38.46
N PHE C 143 6.96 -28.97 39.61
CA PHE C 143 7.82 -30.13 39.71
C PHE C 143 7.38 -31.30 38.85
N GLU C 144 6.07 -31.46 38.72
CA GLU C 144 5.55 -32.62 38.01
C GLU C 144 5.14 -32.28 36.58
N ASN C 145 4.72 -31.06 36.30
CA ASN C 145 4.15 -30.69 35.01
C ASN C 145 5.07 -29.90 34.09
N SER C 146 6.17 -29.39 34.61
CA SER C 146 7.11 -28.69 33.73
C SER C 146 8.04 -29.68 33.03
N ALA C 147 7.92 -29.81 31.72
CA ALA C 147 8.73 -30.74 30.96
C ALA C 147 10.14 -30.19 30.72
N ALA C 148 11.12 -31.04 30.94
CA ALA C 148 12.51 -30.78 30.73
C ALA C 148 12.76 -30.64 29.22
N ALA C 149 13.68 -29.73 28.92
CA ALA C 149 14.12 -29.51 27.55
C ALA C 149 15.64 -29.33 27.59
N ALA C 150 16.31 -30.43 27.92
CA ALA C 150 17.74 -30.33 28.13
C ALA C 150 18.46 -29.90 26.86
N GLU C 151 17.88 -30.09 25.69
CA GLU C 151 18.58 -29.70 24.46
C GLU C 151 18.75 -28.19 24.40
N THR C 152 17.99 -27.44 25.21
CA THR C 152 18.15 -26.00 25.22
C THR C 152 19.22 -25.51 26.20
N GLY C 153 19.66 -26.37 27.11
CA GLY C 153 20.71 -26.06 28.06
C GLY C 153 20.36 -25.11 29.19
N VAL C 154 19.12 -24.70 29.36
CA VAL C 154 18.65 -23.76 30.37
C VAL C 154 17.20 -24.04 30.70
N GLY C 155 16.73 -23.50 31.82
CA GLY C 155 15.41 -23.82 32.31
C GLY C 155 15.39 -25.21 32.94
N VAL C 156 14.21 -25.82 32.99
CA VAL C 156 14.12 -27.18 33.53
C VAL C 156 14.81 -28.14 32.55
N ILE C 157 15.82 -28.84 33.05
CA ILE C 157 16.56 -29.79 32.23
C ILE C 157 16.45 -31.22 32.72
N LYS C 158 15.78 -31.43 33.83
CA LYS C 158 15.46 -32.74 34.34
C LYS C 158 14.20 -32.66 35.20
N SER C 159 13.22 -33.48 34.97
CA SER C 159 12.02 -33.55 35.78
C SER C 159 11.29 -34.88 35.57
N ILE C 160 10.36 -35.11 36.50
CA ILE C 160 9.57 -36.32 36.43
C ILE C 160 8.42 -36.17 35.45
N ALA C 161 8.21 -35.02 34.81
CA ALA C 161 7.14 -34.95 33.80
C ALA C 161 7.34 -36.01 32.72
N PRO C 162 6.27 -36.75 32.39
CA PRO C 162 6.39 -37.84 31.41
C PRO C 162 6.89 -37.40 30.03
N ALA C 163 6.63 -36.14 29.67
CA ALA C 163 7.09 -35.65 28.37
C ALA C 163 8.48 -35.03 28.41
N SER C 164 9.14 -35.09 29.55
CA SER C 164 10.47 -34.52 29.69
C SER C 164 11.48 -35.10 28.68
N LYS C 165 12.31 -34.20 28.16
CA LYS C 165 13.57 -34.54 27.50
C LYS C 165 14.70 -34.24 28.47
N ASN C 166 15.01 -35.20 29.34
CA ASN C 166 15.98 -35.01 30.39
C ASN C 166 17.42 -35.04 29.90
N LEU C 167 18.28 -34.37 30.66
CA LEU C 167 19.69 -34.32 30.37
C LEU C 167 20.25 -35.73 30.17
N ASP C 168 21.02 -35.96 29.14
CA ASP C 168 21.46 -37.19 28.52
C ASP C 168 22.94 -36.97 28.16
N LEU C 169 23.81 -37.49 29.01
CA LEU C 169 25.23 -37.23 28.80
C LEU C 169 25.82 -37.99 27.61
N THR C 170 25.02 -38.88 27.02
CA THR C 170 25.48 -39.53 25.78
C THR C 170 25.26 -38.63 24.57
N ASN C 171 24.51 -37.55 24.78
CA ASN C 171 24.15 -36.58 23.75
C ASN C 171 25.06 -35.37 23.79
N ILE C 172 26.00 -35.24 22.86
CA ILE C 172 27.00 -34.17 22.93
C ILE C 172 26.35 -32.80 22.80
N THR C 173 25.18 -32.79 22.12
CA THR C 173 24.46 -31.51 22.04
C THR C 173 23.97 -31.08 23.41
N HIS C 174 23.45 -31.98 24.23
CA HIS C 174 23.10 -31.66 25.60
C HIS C 174 24.32 -31.20 26.38
N VAL C 175 25.43 -31.89 26.18
CA VAL C 175 26.65 -31.58 26.93
C VAL C 175 27.15 -30.20 26.57
N GLU C 176 27.19 -29.86 25.28
CA GLU C 176 27.66 -28.55 24.84
C GLU C 176 26.76 -27.40 25.24
N LYS C 177 25.44 -27.66 25.18
CA LYS C 177 24.46 -26.60 25.48
C LYS C 177 24.27 -26.36 26.97
N LEU C 178 24.60 -27.34 27.78
CA LEU C 178 24.34 -27.25 29.23
C LEU C 178 24.84 -25.92 29.82
N CYS C 179 23.97 -25.19 30.48
CA CYS C 179 24.32 -23.91 31.11
C CYS C 179 24.65 -22.88 30.05
N LYS C 180 23.70 -22.77 29.13
CA LYS C 180 23.74 -21.85 28.02
C LYS C 180 23.49 -20.42 28.44
N GLY C 181 24.35 -19.48 28.08
CA GLY C 181 24.05 -18.07 28.26
C GLY C 181 25.11 -17.27 28.97
N THR C 182 24.69 -16.20 29.62
CA THR C 182 25.59 -15.30 30.33
C THR C 182 25.52 -15.61 31.82
N ALA C 183 26.58 -15.31 32.53
CA ALA C 183 26.75 -15.48 33.95
C ALA C 183 26.11 -14.33 34.71
N PRO C 184 25.84 -14.48 36.00
CA PRO C 184 26.05 -15.69 36.78
C PRO C 184 24.96 -16.72 36.47
N PHE C 185 25.27 -17.97 36.80
CA PHE C 185 24.35 -19.10 36.69
C PHE C 185 23.88 -19.58 38.06
N GLY C 186 22.59 -19.85 38.18
CA GLY C 186 22.08 -20.52 39.36
C GLY C 186 21.47 -21.86 38.92
N VAL C 187 21.74 -22.87 39.72
CA VAL C 187 21.13 -24.16 39.48
C VAL C 187 20.24 -24.55 40.68
N ALA C 188 19.04 -25.03 40.36
CA ALA C 188 18.08 -25.50 41.35
C ALA C 188 17.97 -27.02 41.28
N PHE C 189 18.21 -27.63 42.44
CA PHE C 189 18.17 -29.07 42.61
C PHE C 189 16.94 -29.42 43.44
N GLY C 190 15.97 -30.14 42.86
CA GLY C 190 14.70 -30.31 43.49
C GLY C 190 14.30 -31.73 43.78
N ASN C 191 13.39 -31.82 44.78
CA ASN C 191 12.80 -33.09 45.14
C ASN C 191 11.44 -32.79 45.80
N SER C 192 10.77 -33.85 46.21
CA SER C 192 9.43 -33.76 46.77
C SER C 192 9.16 -34.96 47.64
C1 GOL D . 4.47 -19.38 -46.38
O1 GOL D . 3.69 -18.91 -45.23
C2 GOL D . 4.31 -20.94 -46.41
O2 GOL D . 4.61 -21.50 -47.69
C3 GOL D . 2.89 -21.33 -45.99
O3 GOL D . 2.72 -21.73 -44.65
C1 GOL E . -43.50 38.93 -1.76
O1 GOL E . -42.77 38.04 -0.87
C2 GOL E . -44.99 38.91 -1.36
O2 GOL E . -45.89 38.70 -2.42
C3 GOL E . -45.39 40.16 -0.55
O3 GOL E . -44.81 40.19 0.77
C1 GOL F . -47.57 32.29 18.06
O1 GOL F . -48.33 33.37 17.43
C2 GOL F . -47.95 30.92 17.46
O2 GOL F . -49.19 30.41 17.89
C3 GOL F . -46.86 29.85 17.48
O3 GOL F . -47.01 28.89 16.46
#